data_6M5Y
#
_entry.id   6M5Y
#
_cell.length_a   67.380
_cell.length_b   95.640
_cell.length_c   37.630
_cell.angle_alpha   90.00
_cell.angle_beta   90.00
_cell.angle_gamma   90.00
#
_symmetry.space_group_name_H-M   'P 21 21 2'
#
loop_
_entity.id
_entity.type
_entity.pdbx_description
1 polymer Galectin-1,Galectin-1
2 branched beta-D-galactopyranose-(1-4)-beta-D-glucopyranose
3 branched beta-D-galactopyranose-(1-4)-alpha-D-glucopyranose
4 water water
#
_entity_poly.entity_id   1
_entity_poly.type   'polypeptide(L)'
_entity_poly.pdbx_seq_one_letter_code
;MASGLVASNLNLKPGESLRVRGEVAPDAKSFVLNLGKDSNNLCLHFNPRFNAHGDANTIVSNSKDGGAWGTEQREAVFPF
QPGSVAEVSITFDQANLTVKLPDGYEFKFPNRLNLEAINYMAADGDFKIKSVAFDGSSASGLVASNLNLKPGESLRVRGE
VAPDAKSFVLNLGKDSNNLCLHFNPRFNAHGDANTIVSNSKDGGAWGTEQREAVFPFQPGSVAEVSITFDQANLTVKLPD
GYEFKFPNRLNLEAINYMAADGDFKIKSVAFD
;
_entity_poly.pdbx_strand_id   A
#
loop_
_chem_comp.id
_chem_comp.type
_chem_comp.name
_chem_comp.formula
BGC D-saccharide, beta linking beta-D-glucopyranose 'C6 H12 O6'
GAL D-saccharide, beta linking beta-D-galactopyranose 'C6 H12 O6'
GLC D-saccharide, alpha linking alpha-D-glucopyranose 'C6 H12 O6'
#
# COMPACT_ATOMS: atom_id res chain seq x y z
N SER A 3 7.44 3.85 12.98
CA SER A 3 6.53 4.15 11.83
C SER A 3 6.73 3.15 10.71
N GLY A 4 5.62 2.75 10.07
CA GLY A 4 5.66 1.92 8.91
C GLY A 4 5.09 2.63 7.69
N LEU A 5 4.45 1.83 6.86
CA LEU A 5 3.94 2.26 5.57
C LEU A 5 3.15 3.57 5.63
N VAL A 6 3.41 4.45 4.65
CA VAL A 6 2.55 5.56 4.29
C VAL A 6 2.07 5.31 2.87
N ALA A 7 0.79 5.04 2.73
CA ALA A 7 0.16 4.84 1.40
C ALA A 7 -0.50 6.14 1.06
N SER A 8 -0.10 6.69 -0.06
CA SER A 8 -0.61 7.93 -0.48
C SER A 8 -1.08 7.80 -1.90
N ASN A 9 -1.61 8.91 -2.36
CA ASN A 9 -2.18 9.01 -3.63
C ASN A 9 -3.29 7.96 -3.87
N LEU A 10 -3.98 7.56 -2.79
CA LEU A 10 -5.14 6.67 -2.86
C LEU A 10 -6.34 7.45 -3.38
N ASN A 11 -7.37 6.72 -3.77
CA ASN A 11 -8.63 7.37 -4.19
C ASN A 11 -9.76 6.46 -3.81
N LEU A 12 -9.88 6.28 -2.49
CA LEU A 12 -10.93 5.41 -1.92
C LEU A 12 -12.23 6.24 -1.88
N LYS A 13 -13.15 5.89 -2.75
CA LYS A 13 -14.37 6.67 -3.02
C LYS A 13 -15.48 6.16 -2.09
N PRO A 14 -16.58 6.92 -1.98
CA PRO A 14 -17.66 6.43 -1.14
C PRO A 14 -18.12 4.99 -1.46
N GLY A 15 -18.28 4.16 -0.41
CA GLY A 15 -18.65 2.76 -0.57
C GLY A 15 -17.48 1.81 -0.69
N GLU A 16 -16.27 2.31 -0.87
CA GLU A 16 -15.10 1.44 -1.04
C GLU A 16 -14.37 1.26 0.24
N SER A 17 -13.69 0.11 0.34
CA SER A 17 -13.02 -0.34 1.53
C SER A 17 -11.56 -0.63 1.26
N LEU A 18 -10.79 -0.50 2.33
CA LEU A 18 -9.48 -1.11 2.39
C LEU A 18 -9.33 -2.02 3.54
N ARG A 19 -8.61 -3.11 3.28
CA ARG A 19 -8.46 -4.17 4.22
CA ARG A 19 -8.46 -4.19 4.24
C ARG A 19 -6.99 -4.30 4.56
N VAL A 20 -6.65 -4.06 5.82
CA VAL A 20 -5.28 -4.03 6.25
C VAL A 20 -5.07 -5.25 7.09
N ARG A 21 -4.03 -6.03 6.75
CA ARG A 21 -3.72 -7.22 7.56
C ARG A 21 -2.35 -7.03 8.06
N GLY A 22 -2.15 -7.35 9.30
CA GLY A 22 -0.81 -7.18 9.91
C GLY A 22 -0.61 -8.04 11.13
N GLU A 23 0.62 -7.97 11.62
CA GLU A 23 0.97 -8.67 12.84
C GLU A 23 1.04 -7.73 14.02
N VAL A 24 0.25 -8.00 15.05
CA VAL A 24 0.35 -7.26 16.33
C VAL A 24 1.58 -7.79 17.09
N ALA A 25 2.49 -6.86 17.42
CA ALA A 25 3.71 -7.21 18.14
C ALA A 25 3.45 -7.93 19.48
N PRO A 26 4.30 -8.87 19.83
CA PRO A 26 4.20 -9.60 21.14
C PRO A 26 4.16 -8.71 22.40
N ASP A 27 4.76 -7.54 22.30
CA ASP A 27 4.83 -6.62 23.43
C ASP A 27 4.02 -5.37 23.11
N ALA A 28 2.92 -5.54 22.35
CA ALA A 28 2.22 -4.40 21.76
C ALA A 28 1.71 -3.50 22.86
N LYS A 29 1.96 -2.22 22.73
CA LYS A 29 1.34 -1.22 23.63
C LYS A 29 0.24 -0.46 22.91
N SER A 30 0.46 -0.21 21.61
CA SER A 30 -0.41 0.67 20.85
C SER A 30 -0.12 0.49 19.35
N PHE A 31 -1.15 0.60 18.49
CA PHE A 31 -0.89 0.85 17.09
C PHE A 31 -1.95 1.75 16.53
N VAL A 32 -1.61 2.33 15.39
CA VAL A 32 -2.38 3.37 14.69
C VAL A 32 -2.49 3.07 13.23
N LEU A 33 -3.71 3.15 12.74
CA LEU A 33 -3.97 3.37 11.34
C LEU A 33 -4.62 4.74 11.19
N ASN A 34 -3.93 5.61 10.48
CA ASN A 34 -4.37 6.97 10.14
C ASN A 34 -4.83 7.05 8.72
N LEU A 35 -6.11 7.40 8.54
CA LEU A 35 -6.68 7.55 7.22
C LEU A 35 -7.20 8.95 6.98
N GLY A 36 -7.07 9.40 5.75
CA GLY A 36 -7.67 10.63 5.34
C GLY A 36 -7.10 11.23 4.10
N LYS A 37 -6.86 12.54 4.19
CA LYS A 37 -6.39 13.35 3.09
C LYS A 37 -4.86 13.38 3.08
N ASP A 38 -4.30 13.65 4.25
CA ASP A 38 -2.84 13.73 4.45
C ASP A 38 -2.55 13.58 5.93
N SER A 39 -1.29 13.72 6.33
CA SER A 39 -0.88 13.43 7.72
C SER A 39 -1.57 14.36 8.75
N ASN A 40 -1.97 15.55 8.30
CA ASN A 40 -2.62 16.56 9.13
C ASN A 40 -4.12 16.56 9.11
N ASN A 41 -4.72 15.74 8.24
CA ASN A 41 -6.12 15.84 7.89
C ASN A 41 -6.67 14.45 7.75
N LEU A 42 -7.10 13.91 8.90
CA LEU A 42 -7.47 12.51 9.05
C LEU A 42 -8.94 12.42 9.32
N CYS A 43 -9.66 11.72 8.45
CA CYS A 43 -11.03 11.29 8.80
C CYS A 43 -11.09 10.16 9.84
N LEU A 44 -10.05 9.33 9.95
CA LEU A 44 -9.99 8.34 11.00
C LEU A 44 -8.55 8.14 11.49
N HIS A 45 -8.34 8.48 12.77
CA HIS A 45 -7.23 8.01 13.56
C HIS A 45 -7.76 6.86 14.35
N PHE A 46 -7.38 5.66 13.91
CA PHE A 46 -7.84 4.44 14.53
C PHE A 46 -6.72 3.88 15.42
N ASN A 47 -6.91 3.94 16.75
CA ASN A 47 -5.82 3.67 17.71
C ASN A 47 -6.19 2.64 18.80
N PRO A 48 -5.99 1.33 18.50
CA PRO A 48 -6.06 0.34 19.54
C PRO A 48 -4.94 0.54 20.53
N ARG A 49 -5.34 0.84 21.74
CA ARG A 49 -4.39 1.00 22.83
C ARG A 49 -4.45 -0.18 23.76
N PHE A 50 -3.36 -0.95 23.72
CA PHE A 50 -3.23 -2.03 24.66
C PHE A 50 -2.89 -1.49 26.03
N ASN A 51 -1.89 -0.66 26.07
CA ASN A 51 -1.44 -0.03 27.31
C ASN A 51 -0.73 1.29 26.88
N ALA A 52 -1.55 2.34 26.71
CA ALA A 52 -1.07 3.62 26.21
C ALA A 52 -2.04 4.70 26.54
N HIS A 53 -1.51 5.88 26.81
CA HIS A 53 -2.31 7.10 26.87
C HIS A 53 -3.45 7.04 27.85
N GLY A 54 -3.25 6.31 28.93
CA GLY A 54 -4.20 6.18 30.01
C GLY A 54 -5.31 5.18 29.76
N ASP A 55 -5.20 4.41 28.68
CA ASP A 55 -6.19 3.36 28.36
C ASP A 55 -5.53 1.97 28.44
N ALA A 56 -6.33 0.99 28.82
CA ALA A 56 -5.92 -0.39 28.72
C ALA A 56 -6.95 -1.13 27.82
N ASN A 57 -6.44 -1.86 26.85
CA ASN A 57 -7.27 -2.64 25.92
C ASN A 57 -8.54 -1.90 25.47
N THR A 58 -8.31 -0.72 24.91
CA THR A 58 -9.35 0.20 24.38
C THR A 58 -9.01 0.80 23.04
N ILE A 59 -9.97 0.65 22.13
CA ILE A 59 -9.93 1.35 20.87
C ILE A 59 -10.37 2.77 21.07
N VAL A 60 -9.46 3.65 20.75
CA VAL A 60 -9.75 5.11 20.59
C VAL A 60 -9.75 5.55 19.09
N SER A 61 -10.82 6.20 18.68
CA SER A 61 -10.88 6.79 17.36
C SER A 61 -11.04 8.29 17.48
N ASN A 62 -10.45 9.01 16.54
CA ASN A 62 -10.61 10.45 16.40
C ASN A 62 -10.45 10.89 14.97
N SER A 63 -10.84 12.14 14.74
CA SER A 63 -10.47 12.88 13.54
C SER A 63 -9.32 13.85 13.85
N LYS A 64 -8.64 14.29 12.79
CA LYS A 64 -7.60 15.31 12.90
C LYS A 64 -7.84 16.29 11.78
N ASP A 65 -8.15 17.54 12.15
CA ASP A 65 -8.48 18.59 11.20
C ASP A 65 -7.42 19.71 11.28
N GLY A 66 -6.65 19.89 10.21
CA GLY A 66 -5.56 20.88 10.17
C GLY A 66 -4.58 20.73 11.32
N GLY A 67 -4.26 19.46 11.66
CA GLY A 67 -3.44 19.13 12.82
C GLY A 67 -4.13 19.05 14.17
N ALA A 68 -5.40 19.46 14.27
CA ALA A 68 -6.14 19.44 15.56
C ALA A 68 -7.00 18.19 15.73
N TRP A 69 -6.78 17.48 16.84
CA TRP A 69 -7.64 16.37 17.28
C TRP A 69 -9.03 16.86 17.61
N GLY A 70 -10.03 16.03 17.29
CA GLY A 70 -11.43 16.28 17.64
C GLY A 70 -11.88 15.55 18.87
N THR A 71 -13.17 15.28 18.93
CA THR A 71 -13.74 14.51 19.99
C THR A 71 -13.51 13.00 19.80
N GLU A 72 -13.02 12.37 20.86
CA GLU A 72 -12.69 10.95 20.85
C GLU A 72 -13.92 10.08 20.97
N GLN A 73 -13.81 8.91 20.39
CA GLN A 73 -14.81 7.86 20.52
C GLN A 73 -14.10 6.59 21.01
N ARG A 74 -14.60 5.94 22.04
CA ARG A 74 -14.07 4.70 22.51
C ARG A 74 -15.12 3.59 22.34
N GLU A 75 -14.69 2.42 21.92
CA GLU A 75 -15.53 1.23 21.88
C GLU A 75 -15.25 0.42 23.13
N ALA A 76 -16.13 -0.55 23.41
CA ALA A 76 -15.99 -1.48 24.51
C ALA A 76 -15.22 -2.69 24.00
N VAL A 77 -15.52 -3.17 22.76
CA VAL A 77 -14.84 -4.36 22.30
C VAL A 77 -13.36 -4.12 22.05
N PHE A 78 -12.53 -5.15 22.27
CA PHE A 78 -11.12 -5.03 21.99
C PHE A 78 -10.60 -6.33 21.42
N PRO A 79 -10.89 -6.59 20.15
CA PRO A 79 -10.60 -7.93 19.62
C PRO A 79 -9.23 -7.95 18.97
N PHE A 80 -8.24 -7.63 19.77
CA PHE A 80 -6.83 -7.70 19.42
C PHE A 80 -6.05 -8.32 20.53
N GLN A 81 -4.98 -9.02 20.11
CA GLN A 81 -4.13 -9.74 21.01
C GLN A 81 -2.70 -9.53 20.60
N PRO A 82 -1.85 -9.14 21.54
CA PRO A 82 -0.42 -9.16 21.18
C PRO A 82 0.04 -10.51 20.61
N GLY A 83 0.93 -10.45 19.63
CA GLY A 83 1.51 -11.64 19.01
C GLY A 83 0.49 -12.44 18.24
N SER A 84 -0.30 -11.75 17.43
CA SER A 84 -1.28 -12.37 16.54
C SER A 84 -1.53 -11.51 15.32
N VAL A 85 -2.10 -12.16 14.34
CA VAL A 85 -2.45 -11.53 13.11
C VAL A 85 -3.83 -10.88 13.30
N ALA A 86 -4.01 -9.71 12.74
CA ALA A 86 -5.30 -9.06 12.78
C ALA A 86 -5.57 -8.42 11.47
N GLU A 87 -6.84 -8.49 11.07
CA GLU A 87 -7.30 -7.78 9.92
C GLU A 87 -8.34 -6.72 10.31
N VAL A 88 -8.15 -5.51 9.76
CA VAL A 88 -9.08 -4.37 9.97
C VAL A 88 -9.50 -3.83 8.61
N SER A 89 -10.83 -3.76 8.42
CA SER A 89 -11.39 -3.21 7.21
CA SER A 89 -11.41 -3.20 7.22
C SER A 89 -11.99 -1.84 7.49
N ILE A 90 -11.70 -0.87 6.63
CA ILE A 90 -12.27 0.49 6.75
C ILE A 90 -13.00 0.81 5.44
N THR A 91 -14.31 1.10 5.57
CA THR A 91 -15.12 1.49 4.46
C THR A 91 -15.30 2.98 4.58
N PHE A 92 -14.99 3.70 3.51
CA PHE A 92 -15.19 5.15 3.41
C PHE A 92 -16.60 5.43 2.91
N ASP A 93 -17.30 6.38 3.56
CA ASP A 93 -18.53 6.90 3.02
C ASP A 93 -18.75 8.34 3.46
N GLN A 94 -19.77 8.96 2.90
CA GLN A 94 -19.95 10.40 3.02
C GLN A 94 -20.38 10.84 4.41
N ALA A 95 -21.32 10.08 5.00
CA ALA A 95 -21.81 10.36 6.37
C ALA A 95 -20.93 9.73 7.43
N ASN A 96 -20.75 8.40 7.33
CA ASN A 96 -19.94 7.64 8.27
C ASN A 96 -18.95 6.68 7.58
N LEU A 97 -17.77 6.57 8.17
CA LEU A 97 -16.89 5.44 7.91
C LEU A 97 -17.40 4.25 8.69
N THR A 98 -17.16 3.05 8.17
CA THR A 98 -17.43 1.81 8.88
C THR A 98 -16.16 1.03 9.08
N VAL A 99 -15.86 0.68 10.32
CA VAL A 99 -14.70 -0.10 10.67
C VAL A 99 -15.14 -1.48 11.07
N LYS A 100 -14.61 -2.50 10.38
CA LYS A 100 -14.88 -3.89 10.71
CA LYS A 100 -14.90 -3.89 10.71
C LYS A 100 -13.67 -4.52 11.37
N LEU A 101 -13.88 -5.10 12.54
CA LEU A 101 -12.83 -5.62 13.40
C LEU A 101 -12.80 -7.13 13.29
N PRO A 102 -11.73 -7.75 13.82
CA PRO A 102 -11.57 -9.20 13.82
C PRO A 102 -12.69 -10.06 14.34
N ASP A 103 -13.41 -9.60 15.35
CA ASP A 103 -14.40 -10.49 16.06
C ASP A 103 -15.76 -10.58 15.31
N GLY A 104 -15.86 -9.99 14.11
CA GLY A 104 -17.16 -9.65 13.48
C GLY A 104 -17.64 -8.19 13.72
N TYR A 105 -17.16 -7.58 14.81
CA TYR A 105 -17.67 -6.27 15.29
C TYR A 105 -17.47 -5.20 14.30
N GLU A 106 -18.47 -4.35 14.17
CA GLU A 106 -18.36 -3.17 13.37
C GLU A 106 -18.73 -1.97 14.20
N PHE A 107 -18.19 -0.84 13.80
CA PHE A 107 -18.64 0.46 14.30
C PHE A 107 -18.53 1.53 13.26
N LYS A 108 -19.25 2.63 13.55
CA LYS A 108 -19.29 3.78 12.70
C LYS A 108 -18.48 4.91 13.32
N PHE A 109 -17.86 5.69 12.45
CA PHE A 109 -17.19 6.93 12.84
C PHE A 109 -17.54 8.02 11.86
N PRO A 110 -18.08 9.15 12.34
CA PRO A 110 -18.54 10.15 11.38
C PRO A 110 -17.45 10.74 10.50
N ASN A 111 -17.77 10.97 9.23
CA ASN A 111 -16.92 11.78 8.35
C ASN A 111 -17.04 13.27 8.69
N ARG A 112 -16.42 13.72 9.77
CA ARG A 112 -16.45 15.15 10.22
C ARG A 112 -15.79 16.19 9.36
N LEU A 113 -14.63 15.87 8.80
CA LEU A 113 -13.93 16.76 7.85
C LEU A 113 -14.73 16.93 6.54
N ASN A 114 -15.78 16.13 6.37
CA ASN A 114 -16.42 15.88 5.06
C ASN A 114 -15.46 15.71 3.90
N LEU A 115 -14.53 14.80 4.09
CA LEU A 115 -13.66 14.37 3.01
C LEU A 115 -14.47 13.78 1.87
N GLU A 116 -13.94 13.94 0.66
CA GLU A 116 -14.56 13.37 -0.53
C GLU A 116 -14.06 11.96 -0.79
N ALA A 117 -12.84 11.66 -0.36
CA ALA A 117 -12.22 10.34 -0.55
C ALA A 117 -11.15 10.15 0.48
N ILE A 118 -10.67 8.91 0.60
CA ILE A 118 -9.47 8.68 1.35
C ILE A 118 -8.33 8.65 0.34
N ASN A 119 -7.37 9.53 0.54
CA ASN A 119 -6.15 9.58 -0.29
C ASN A 119 -4.90 9.05 0.42
N TYR A 120 -5.01 8.77 1.73
CA TYR A 120 -3.87 8.59 2.60
C TYR A 120 -4.17 7.58 3.69
N MET A 121 -3.25 6.61 3.88
CA MET A 121 -3.28 5.66 5.01
CA MET A 121 -3.25 5.76 5.05
C MET A 121 -1.83 5.53 5.52
N ALA A 122 -1.59 5.80 6.78
CA ALA A 122 -0.32 5.52 7.42
C ALA A 122 -0.52 4.58 8.57
N ALA A 123 0.47 3.74 8.77
CA ALA A 123 0.49 2.83 9.88
C ALA A 123 1.62 3.24 10.82
N ASP A 124 1.37 3.14 12.10
CA ASP A 124 2.39 3.38 13.09
C ASP A 124 2.19 2.49 14.31
N GLY A 125 3.24 2.33 15.09
CA GLY A 125 3.20 1.56 16.29
C GLY A 125 3.40 0.10 16.10
N ASP A 126 2.81 -0.66 17.00
CA ASP A 126 3.23 -2.05 17.23
C ASP A 126 2.41 -3.04 16.39
N PHE A 127 2.40 -2.76 15.08
CA PHE A 127 1.60 -3.54 14.13
C PHE A 127 2.40 -3.54 12.83
N LYS A 128 2.81 -4.72 12.40
CA LYS A 128 3.62 -4.87 11.18
C LYS A 128 2.68 -5.25 10.07
N ILE A 129 2.48 -4.34 9.12
CA ILE A 129 1.54 -4.55 7.99
C ILE A 129 2.08 -5.67 7.09
N LYS A 130 1.24 -6.67 6.84
CA LYS A 130 1.55 -7.74 5.89
C LYS A 130 0.91 -7.51 4.56
N SER A 131 -0.32 -7.00 4.55
CA SER A 131 -0.87 -6.64 3.32
C SER A 131 -1.93 -5.55 3.46
N VAL A 132 -2.17 -4.88 2.34
CA VAL A 132 -3.28 -3.95 2.14
C VAL A 132 -4.03 -4.31 0.87
N ALA A 133 -5.35 -4.41 0.97
CA ALA A 133 -6.20 -4.76 -0.15
C ALA A 133 -7.19 -3.64 -0.37
N PHE A 134 -7.46 -3.38 -1.64
CA PHE A 134 -8.08 -2.13 -2.15
C PHE A 134 -9.24 -2.47 -3.04
N ASP A 135 -10.35 -1.77 -2.84
CA ASP A 135 -11.53 -1.86 -3.72
C ASP A 135 -11.38 -0.93 -4.91
N GLY A 136 -11.88 -1.38 -6.06
CA GLY A 136 -11.96 -0.56 -7.29
C GLY A 136 -10.61 -0.05 -7.75
N SER A 137 -10.57 1.20 -8.17
CA SER A 137 -9.34 1.87 -8.69
C SER A 137 -8.65 2.76 -7.60
N SER A 138 -8.93 2.46 -6.32
CA SER A 138 -8.44 3.26 -5.20
C SER A 138 -6.90 3.24 -5.03
N ALA A 139 -6.22 2.17 -5.49
CA ALA A 139 -4.75 2.10 -5.47
C ALA A 139 -4.07 2.18 -6.90
N SER A 140 -4.83 2.60 -7.93
CA SER A 140 -4.30 2.75 -9.33
CA SER A 140 -4.27 2.71 -9.31
C SER A 140 -3.06 3.67 -9.43
N GLY A 141 -3.02 4.69 -8.59
CA GLY A 141 -1.87 5.57 -8.48
C GLY A 141 -1.12 5.38 -7.16
N LEU A 142 -1.17 4.16 -6.58
CA LEU A 142 -0.69 3.94 -5.20
C LEU A 142 0.78 4.39 -5.10
N VAL A 143 1.09 5.20 -4.09
CA VAL A 143 2.47 5.47 -3.70
C VAL A 143 2.62 4.93 -2.30
N ALA A 144 3.53 3.96 -2.14
CA ALA A 144 3.84 3.35 -0.84
C ALA A 144 5.22 3.89 -0.45
N SER A 145 5.26 4.71 0.60
CA SER A 145 6.46 5.34 1.08
C SER A 145 6.78 4.86 2.50
N ASN A 146 7.95 5.27 2.98
CA ASN A 146 8.48 4.85 4.25
C ASN A 146 8.52 3.33 4.36
N LEU A 147 8.72 2.65 3.23
CA LEU A 147 9.00 1.27 3.27
C LEU A 147 10.43 1.09 3.76
N ASN A 148 10.68 -0.11 4.23
CA ASN A 148 12.02 -0.49 4.58
C ASN A 148 12.20 -1.90 4.11
N LEU A 149 12.13 -2.09 2.79
CA LEU A 149 12.25 -3.42 2.19
C LEU A 149 13.74 -3.74 2.08
N LYS A 150 14.17 -4.63 2.97
CA LYS A 150 15.59 -4.96 3.14
C LYS A 150 16.01 -6.03 2.12
N PRO A 151 17.33 -6.26 1.94
CA PRO A 151 17.75 -7.34 1.07
C PRO A 151 17.12 -8.67 1.43
N GLY A 152 16.66 -9.40 0.40
CA GLY A 152 16.00 -10.69 0.58
C GLY A 152 14.47 -10.56 0.66
N GLU A 153 13.97 -9.35 0.90
CA GLU A 153 12.54 -9.12 1.08
C GLU A 153 11.88 -8.81 -0.26
N SER A 154 10.58 -9.13 -0.31
CA SER A 154 9.78 -9.05 -1.50
C SER A 154 8.52 -8.27 -1.27
N LEU A 155 8.04 -7.65 -2.32
CA LEU A 155 6.70 -7.19 -2.36
C LEU A 155 5.91 -7.82 -3.48
N ARG A 156 4.65 -8.11 -3.20
CA ARG A 156 3.77 -8.85 -4.11
C ARG A 156 2.61 -7.94 -4.43
N VAL A 157 2.48 -7.61 -5.72
CA VAL A 157 1.39 -6.77 -6.27
C VAL A 157 0.41 -7.60 -7.07
N ARG A 158 -0.88 -7.52 -6.72
CA ARG A 158 -1.95 -8.22 -7.43
C ARG A 158 -2.84 -7.10 -7.97
N GLY A 159 -3.22 -7.19 -9.24
CA GLY A 159 -4.10 -6.18 -9.89
C GLY A 159 -4.82 -6.78 -11.05
N GLU A 160 -5.66 -5.96 -11.67
CA GLU A 160 -6.34 -6.29 -12.90
C GLU A 160 -5.92 -5.32 -14.00
N VAL A 161 -5.35 -5.86 -15.08
CA VAL A 161 -4.98 -5.08 -16.22
C VAL A 161 -6.28 -4.57 -16.87
N ALA A 162 -6.26 -3.31 -17.30
CA ALA A 162 -7.47 -2.70 -17.88
C ALA A 162 -7.79 -3.38 -19.22
N PRO A 163 -9.08 -3.50 -19.57
CA PRO A 163 -9.44 -4.07 -20.87
C PRO A 163 -8.82 -3.44 -22.14
N ASP A 164 -8.43 -2.16 -22.08
CA ASP A 164 -7.96 -1.39 -23.26
C ASP A 164 -6.53 -0.92 -22.82
N ALA A 165 -5.88 -1.68 -21.91
CA ALA A 165 -4.56 -1.27 -21.32
C ALA A 165 -3.53 -0.92 -22.44
N LYS A 166 -2.80 0.16 -22.22
CA LYS A 166 -1.68 0.59 -23.05
C LYS A 166 -0.36 0.30 -22.27
N SER A 167 -0.35 0.55 -20.98
CA SER A 167 0.90 0.56 -20.21
C SER A 167 0.60 0.56 -18.74
N PHE A 168 1.42 -0.10 -17.93
CA PHE A 168 1.45 0.19 -16.50
C PHE A 168 2.86 0.14 -15.99
N VAL A 169 3.03 0.66 -14.76
CA VAL A 169 4.35 0.84 -14.15
C VAL A 169 4.33 0.51 -12.73
N LEU A 170 5.37 -0.19 -12.31
CA LEU A 170 5.72 -0.33 -10.88
C LEU A 170 7.14 0.20 -10.73
N ASN A 171 7.26 1.25 -9.92
CA ASN A 171 8.55 1.90 -9.63
C ASN A 171 8.96 1.58 -8.23
N LEU A 172 10.21 1.14 -8.06
CA LEU A 172 10.74 0.81 -6.74
C LEU A 172 12.08 1.49 -6.56
N GLY A 173 12.28 2.15 -5.42
CA GLY A 173 13.58 2.66 -5.08
C GLY A 173 13.56 3.50 -3.84
N LYS A 174 14.18 4.67 -3.93
CA LYS A 174 14.24 5.63 -2.82
C LYS A 174 13.16 6.70 -2.95
N ASP A 175 13.04 7.24 -4.15
CA ASP A 175 12.03 8.24 -4.47
C ASP A 175 11.80 8.19 -5.96
N SER A 176 11.02 9.13 -6.50
CA SER A 176 10.66 9.10 -7.90
C SER A 176 11.85 9.30 -8.84
N ASN A 177 12.92 9.93 -8.35
CA ASN A 177 14.12 10.18 -9.15
C ASN A 177 15.20 9.11 -9.05
N ASN A 178 15.03 8.18 -8.10
CA ASN A 178 16.07 7.20 -7.72
C ASN A 178 15.46 5.81 -7.56
N LEU A 179 15.37 5.12 -8.70
CA LEU A 179 14.65 3.87 -8.82
C LEU A 179 15.62 2.75 -9.14
N CYS A 180 15.67 1.75 -8.27
CA CYS A 180 16.42 0.55 -8.66
CA CYS A 180 16.36 0.47 -8.54
C CYS A 180 15.64 -0.31 -9.65
N LEU A 181 14.32 -0.10 -9.77
CA LEU A 181 13.57 -0.77 -10.83
C LEU A 181 12.35 0.00 -11.22
N HIS A 182 12.37 0.46 -12.47
CA HIS A 182 11.20 0.93 -13.21
C HIS A 182 10.75 -0.23 -14.05
N PHE A 183 9.59 -0.80 -13.73
CA PHE A 183 9.09 -2.04 -14.34
C PHE A 183 7.84 -1.67 -15.12
N ASN A 184 7.87 -1.86 -16.43
CA ASN A 184 6.94 -1.18 -17.39
C ASN A 184 6.47 -2.12 -18.46
N PRO A 185 5.47 -2.95 -18.10
CA PRO A 185 4.83 -3.67 -19.24
C PRO A 185 4.06 -2.76 -20.20
N ARG A 186 4.43 -2.82 -21.48
CA ARG A 186 3.92 -1.96 -22.58
C ARG A 186 3.10 -2.90 -23.44
N PHE A 187 1.79 -2.74 -23.35
CA PHE A 187 0.84 -3.42 -24.27
C PHE A 187 0.91 -2.75 -25.62
N ASN A 188 0.81 -1.44 -25.59
CA ASN A 188 0.90 -0.65 -26.77
C ASN A 188 1.26 0.77 -26.31
N ALA A 189 2.58 1.03 -26.22
CA ALA A 189 3.05 2.34 -25.68
C ALA A 189 4.48 2.64 -26.13
N HIS A 190 4.73 3.89 -26.54
CA HIS A 190 6.08 4.36 -26.97
C HIS A 190 6.60 3.54 -28.17
N GLY A 191 5.68 3.09 -29.00
CA GLY A 191 6.01 2.23 -30.14
C GLY A 191 6.45 0.81 -29.80
N ASP A 192 6.24 0.36 -28.54
CA ASP A 192 6.42 -1.05 -28.19
C ASP A 192 5.07 -1.68 -28.07
N ALA A 193 4.97 -2.91 -28.60
CA ALA A 193 3.77 -3.73 -28.46
C ALA A 193 4.17 -4.94 -27.60
N ASN A 194 3.39 -5.34 -26.50
CA ASN A 194 3.55 -6.54 -25.64
C ASN A 194 4.96 -6.76 -25.24
N THR A 195 5.58 -5.66 -24.78
CA THR A 195 6.98 -5.66 -24.37
C THR A 195 7.15 -5.17 -22.95
N ILE A 196 7.80 -5.98 -22.12
CA ILE A 196 8.21 -5.58 -20.76
C ILE A 196 9.50 -4.77 -20.95
N VAL A 197 9.48 -3.54 -20.49
CA VAL A 197 10.68 -2.70 -20.39
C VAL A 197 11.00 -2.45 -18.94
N SER A 198 12.26 -2.67 -18.56
CA SER A 198 12.75 -2.37 -17.19
C SER A 198 13.93 -1.40 -17.28
N ASN A 199 14.06 -0.54 -16.28
CA ASN A 199 15.18 0.40 -16.27
C ASN A 199 15.48 0.81 -14.83
N SER A 200 16.65 1.42 -14.65
CA SER A 200 16.99 2.15 -13.46
C SER A 200 16.81 3.64 -13.70
N LYS A 201 16.70 4.39 -12.62
CA LYS A 201 16.75 5.85 -12.68
C LYS A 201 17.63 6.35 -11.57
N ASP A 202 18.64 7.11 -11.92
CA ASP A 202 19.70 7.52 -10.94
C ASP A 202 19.82 9.04 -11.00
N GLY A 203 19.42 9.72 -9.91
CA GLY A 203 19.41 11.19 -9.89
C GLY A 203 18.57 11.78 -11.00
N GLY A 204 17.47 11.12 -11.35
CA GLY A 204 16.58 11.61 -12.41
C GLY A 204 16.92 11.09 -13.79
N ALA A 205 18.06 10.39 -13.94
CA ALA A 205 18.55 10.00 -15.26
C ALA A 205 18.24 8.50 -15.52
N TRP A 206 17.54 8.19 -16.60
CA TRP A 206 17.28 6.82 -17.01
C TRP A 206 18.56 6.09 -17.36
N GLY A 207 18.64 4.83 -16.94
CA GLY A 207 19.76 3.94 -17.28
C GLY A 207 19.54 3.29 -18.61
N THR A 208 20.20 2.16 -18.80
CA THR A 208 20.06 1.38 -20.02
C THR A 208 18.92 0.37 -19.84
N GLU A 209 17.96 0.39 -20.77
CA GLU A 209 16.77 -0.48 -20.66
C GLU A 209 17.13 -1.93 -20.80
N GLN A 210 16.32 -2.77 -20.17
CA GLN A 210 16.33 -4.21 -20.41
C GLN A 210 14.95 -4.62 -20.80
N ARG A 211 14.85 -5.36 -21.88
CA ARG A 211 13.56 -5.79 -22.39
C ARG A 211 13.46 -7.28 -22.31
N GLU A 212 12.28 -7.79 -21.98
CA GLU A 212 12.07 -9.23 -21.91
C GLU A 212 11.44 -9.77 -23.18
N ALA A 213 11.62 -11.07 -23.40
CA ALA A 213 11.01 -11.73 -24.59
C ALA A 213 9.55 -12.07 -24.29
N VAL A 214 9.32 -12.64 -23.12
CA VAL A 214 7.97 -13.09 -22.77
C VAL A 214 7.13 -11.91 -22.32
N PHE A 215 5.81 -12.03 -22.50
CA PHE A 215 4.88 -11.00 -22.07
C PHE A 215 3.65 -11.67 -21.44
N PRO A 216 3.79 -12.07 -20.15
CA PRO A 216 2.72 -12.87 -19.48
C PRO A 216 1.63 -12.00 -18.89
N PHE A 217 1.19 -11.01 -19.66
CA PHE A 217 0.04 -10.16 -19.32
C PHE A 217 -0.93 -10.13 -20.52
N GLN A 218 -2.21 -9.85 -20.21
CA GLN A 218 -3.33 -9.81 -21.20
C GLN A 218 -4.20 -8.64 -20.80
N PRO A 219 -4.65 -7.77 -21.78
CA PRO A 219 -5.73 -6.80 -21.47
C PRO A 219 -6.88 -7.55 -20.68
N GLY A 220 -7.34 -7.00 -19.57
CA GLY A 220 -8.51 -7.50 -18.85
C GLY A 220 -8.27 -8.58 -17.87
N SER A 221 -7.04 -9.14 -17.87
CA SER A 221 -6.71 -10.26 -16.97
C SER A 221 -6.09 -9.79 -15.67
N VAL A 222 -6.43 -10.49 -14.60
CA VAL A 222 -5.73 -10.38 -13.34
C VAL A 222 -4.26 -10.75 -13.56
N ALA A 223 -3.39 -10.14 -12.75
CA ALA A 223 -1.97 -10.43 -12.73
C ALA A 223 -1.35 -10.16 -11.39
N GLU A 224 -0.43 -11.03 -11.03
CA GLU A 224 0.35 -10.93 -9.83
C GLU A 224 1.83 -10.79 -10.23
N VAL A 225 2.51 -9.78 -9.71
CA VAL A 225 3.95 -9.58 -9.90
C VAL A 225 4.63 -9.50 -8.53
N SER A 226 5.71 -10.25 -8.33
CA SER A 226 6.50 -10.13 -7.14
C SER A 226 7.85 -9.61 -7.47
N ILE A 227 8.39 -8.79 -6.57
CA ILE A 227 9.71 -8.20 -6.78
C ILE A 227 10.49 -8.43 -5.51
N THR A 228 11.64 -9.10 -5.65
CA THR A 228 12.52 -9.40 -4.49
C THR A 228 13.72 -8.41 -4.64
N PHE A 229 14.01 -7.70 -3.54
CA PHE A 229 15.15 -6.76 -3.51
C PHE A 229 16.37 -7.48 -2.97
N ASP A 230 17.45 -7.45 -3.73
CA ASP A 230 18.77 -7.84 -3.24
C ASP A 230 19.70 -6.76 -3.73
N GLN A 231 20.88 -6.65 -3.12
CA GLN A 231 21.77 -5.57 -3.45
C GLN A 231 22.41 -5.68 -4.83
N ALA A 232 22.61 -6.92 -5.31
CA ALA A 232 23.18 -7.15 -6.65
C ALA A 232 22.14 -7.08 -7.77
N ASN A 233 21.01 -7.78 -7.56
CA ASN A 233 19.94 -7.87 -8.59
C ASN A 233 18.60 -7.88 -7.94
N LEU A 234 17.60 -7.34 -8.61
CA LEU A 234 16.23 -7.59 -8.22
C LEU A 234 15.72 -8.81 -8.99
N THR A 235 14.96 -9.69 -8.33
CA THR A 235 14.30 -10.77 -8.98
C THR A 235 12.84 -10.42 -9.20
N VAL A 236 12.41 -10.44 -10.47
CA VAL A 236 10.99 -10.17 -10.85
C VAL A 236 10.29 -11.50 -11.17
N LYS A 237 9.34 -11.87 -10.33
CA LYS A 237 8.48 -13.02 -10.58
C LYS A 237 7.23 -12.56 -11.30
N LEU A 238 7.24 -12.79 -12.60
CA LEU A 238 6.13 -12.43 -13.47
C LEU A 238 4.98 -13.39 -13.28
N PRO A 239 3.82 -13.05 -13.77
CA PRO A 239 2.70 -13.99 -13.74
C PRO A 239 3.01 -15.33 -14.40
N ASP A 240 2.44 -16.37 -13.80
CA ASP A 240 2.32 -17.68 -14.41
C ASP A 240 3.68 -18.37 -14.62
N GLY A 241 4.58 -18.16 -13.67
CA GLY A 241 5.76 -19.02 -13.54
C GLY A 241 7.00 -18.62 -14.29
N TYR A 242 7.05 -17.40 -14.73
CA TYR A 242 8.25 -16.78 -15.34
C TYR A 242 8.94 -15.83 -14.39
N GLU A 243 10.29 -15.82 -14.43
CA GLU A 243 11.07 -14.89 -13.64
C GLU A 243 12.19 -14.33 -14.50
N PHE A 244 12.66 -13.19 -14.10
CA PHE A 244 13.89 -12.63 -14.67
C PHE A 244 14.61 -11.82 -13.55
N LYS A 245 15.86 -11.42 -13.81
CA LYS A 245 16.60 -10.54 -12.94
C LYS A 245 16.92 -9.27 -13.59
N PHE A 246 16.97 -8.21 -12.79
CA PHE A 246 17.34 -6.87 -13.26
C PHE A 246 18.47 -6.39 -12.35
N PRO A 247 19.60 -5.96 -12.93
CA PRO A 247 20.73 -5.55 -12.07
C PRO A 247 20.36 -4.36 -11.18
N ASN A 248 20.79 -4.37 -9.93
CA ASN A 248 20.60 -3.18 -9.09
C ASN A 248 21.78 -2.24 -9.32
N ARG A 249 21.51 -1.15 -10.03
CA ARG A 249 22.55 -0.20 -10.38
C ARG A 249 22.67 1.00 -9.44
N LEU A 250 21.92 0.99 -8.35
CA LEU A 250 21.95 2.08 -7.35
CA LEU A 250 21.95 2.08 -7.35
C LEU A 250 22.59 1.59 -6.06
N ASN A 251 23.00 2.52 -5.21
CA ASN A 251 23.61 2.18 -3.93
C ASN A 251 22.62 2.06 -2.71
N LEU A 252 21.33 1.89 -3.00
CA LEU A 252 20.33 1.78 -1.95
C LEU A 252 20.54 0.46 -1.22
N GLU A 253 20.37 0.48 0.10
CA GLU A 253 20.48 -0.73 0.91
C GLU A 253 19.11 -1.23 1.35
N ALA A 254 18.06 -0.54 0.89
CA ALA A 254 16.68 -0.90 1.13
C ALA A 254 15.82 -0.11 0.19
N ILE A 255 14.62 -0.64 -0.10
CA ILE A 255 13.61 0.06 -0.90
C ILE A 255 12.70 0.77 0.09
N ASN A 256 12.57 2.10 -0.03
CA ASN A 256 11.66 2.91 0.79
C ASN A 256 10.40 3.35 0.04
N TYR A 257 10.38 3.15 -1.29
CA TYR A 257 9.39 3.75 -2.14
C TYR A 257 8.97 2.80 -3.24
N MET A 258 7.63 2.64 -3.38
CA MET A 258 7.02 1.94 -4.50
C MET A 258 5.88 2.78 -5.03
N ALA A 259 5.91 3.13 -6.29
CA ALA A 259 4.76 3.84 -6.94
C ALA A 259 4.21 3.02 -8.12
N ALA A 260 2.88 2.95 -8.23
CA ALA A 260 2.20 2.25 -9.30
C ALA A 260 1.47 3.31 -10.10
N ASP A 261 1.54 3.25 -11.42
CA ASP A 261 0.68 4.06 -12.22
C ASP A 261 0.27 3.32 -13.46
N GLY A 262 -0.76 3.84 -14.10
CA GLY A 262 -1.17 3.37 -15.43
C GLY A 262 -2.35 2.43 -15.37
N ASP A 263 -2.41 1.54 -16.36
CA ASP A 263 -3.65 0.80 -16.68
C ASP A 263 -3.69 -0.57 -15.97
N PHE A 264 -3.48 -0.54 -14.64
CA PHE A 264 -3.42 -1.70 -13.77
C PHE A 264 -4.11 -1.30 -12.45
N LYS A 265 -5.26 -1.89 -12.19
CA LYS A 265 -6.03 -1.62 -10.96
C LYS A 265 -5.53 -2.48 -9.82
N ILE A 266 -4.79 -1.86 -8.90
CA ILE A 266 -4.17 -2.60 -7.82
C ILE A 266 -5.21 -3.06 -6.83
N LYS A 267 -5.24 -4.37 -6.65
CA LYS A 267 -6.13 -5.00 -5.68
C LYS A 267 -5.49 -5.28 -4.36
N SER A 268 -4.19 -5.61 -4.38
CA SER A 268 -3.47 -5.73 -3.16
C SER A 268 -1.98 -5.58 -3.30
N VAL A 269 -1.37 -5.19 -2.20
CA VAL A 269 0.09 -5.18 -2.02
C VAL A 269 0.43 -5.92 -0.77
N ALA A 270 1.38 -6.84 -0.86
CA ALA A 270 1.76 -7.61 0.25
C ALA A 270 3.29 -7.51 0.42
N PHE A 271 3.70 -7.53 1.68
CA PHE A 271 5.04 -7.20 2.13
C PHE A 271 5.42 -8.41 2.94
N ASP A 272 6.41 -9.16 2.45
CA ASP A 272 6.50 -10.62 2.71
C ASP A 272 6.78 -11.03 4.18
C2 BGC B . -7.15 11.45 26.09
C3 BGC B . -6.03 10.89 25.25
C4 BGC B . -5.30 12.02 24.53
C5 BGC B . -4.83 13.08 25.53
C6 BGC B . -4.21 14.28 24.91
C1 BGC B . -6.60 12.52 27.03
O1 BGC B . -7.64 13.11 27.82
O2 BGC B . -7.78 10.43 26.82
O3 BGC B . -6.53 9.96 24.28
O4 BGC B . -4.16 11.46 23.87
O5 BGC B . -5.95 13.55 26.29
O6 BGC B . -3.73 15.16 25.95
C1 GAL B . -4.06 11.73 22.46
C2 GAL B . -2.72 11.17 21.95
C3 GAL B . -2.63 11.21 20.41
C4 GAL B . -3.87 10.63 19.77
C5 GAL B . -5.09 11.29 20.42
C6 GAL B . -6.40 10.78 19.80
O2 GAL B . -1.64 11.94 22.54
O3 GAL B . -1.47 10.48 19.96
O4 GAL B . -3.90 9.21 20.03
O5 GAL B . -5.14 11.07 21.80
O6 GAL B . -7.51 11.57 20.23
C1 GLC C . 13.65 5.44 -26.30
C2 GLC C . 13.25 4.14 -25.56
C3 GLC C . 11.98 4.29 -24.75
C4 GLC C . 12.05 5.56 -23.91
C5 GLC C . 12.36 6.79 -24.76
C6 GLC C . 12.54 8.06 -23.91
O1 GLC C . 12.85 5.70 -27.46
O2 GLC C . 13.04 3.15 -26.57
O3 GLC C . 11.66 3.19 -24.01
O4 GLC C . 10.75 5.71 -23.30
O5 GLC C . 13.59 6.59 -25.46
O6 GLC C . 13.51 7.84 -22.85
C1 GAL C . 10.82 5.96 -21.91
C2 GAL C . 9.42 6.30 -21.43
C3 GAL C . 9.45 6.31 -19.86
C4 GAL C . 10.05 5.07 -19.19
C5 GAL C . 11.44 4.90 -19.83
C6 GAL C . 12.19 3.71 -19.34
O2 GAL C . 8.97 7.49 -21.97
O3 GAL C . 8.10 6.53 -19.36
O4 GAL C . 9.22 3.92 -19.47
O5 GAL C . 11.28 4.79 -21.24
O6 GAL C . 13.49 3.61 -19.98
#